data_8XJB
#
_entry.id   8XJB
#
_cell.length_a   73.730
_cell.length_b   54.890
_cell.length_c   51.910
_cell.angle_alpha   90.00
_cell.angle_beta   113.64
_cell.angle_gamma   90.00
#
_symmetry.space_group_name_H-M   'C 1 2 1'
#
loop_
_entity.id
_entity.type
_entity.pdbx_description
1 polymer 'GCN5-related N-acetyltransferase 8'
2 non-polymer SPERMINE
3 water water
#
_entity_poly.entity_id   1
_entity_poly.type   'polypeptide(L)'
_entity_poly.pdbx_seq_one_letter_code
;GPLGSMFSRIRLATPSDVPFIHKLIHQMAVFERLTHLFSATESGLASTLFTSRPFQSFTVFLLEVSRSPFPATITSSPSP
DFTPFFKTHNLDLPIDDPESYNFSPDMLNDVVVAGFVLFFPNYSSFLSKPGFYIEDIFVREPYRRKGFGSMLLTAVAKQA
VKMGYGRVEWVVLDWNVNAIKFYEQMGAQILQEWRVCRLTGDALEAFDQVNI
;
_entity_poly.pdbx_strand_id   A
#
# COMPACT_ATOMS: atom_id res chain seq x y z
N SER A 5 -17.58 -18.79 2.81
CA SER A 5 -16.75 -18.05 1.85
C SER A 5 -16.62 -16.56 2.19
N MET A 6 -15.39 -16.07 2.17
CA MET A 6 -15.12 -14.63 2.20
C MET A 6 -14.42 -14.27 0.90
N PHE A 7 -14.98 -13.29 0.19
CA PHE A 7 -14.41 -12.82 -1.06
C PHE A 7 -13.54 -11.61 -0.80
N SER A 8 -12.44 -11.49 -1.55
CA SER A 8 -11.58 -10.34 -1.42
C SER A 8 -11.25 -9.78 -2.80
N ARG A 9 -10.95 -8.49 -2.83
CA ARG A 9 -10.61 -7.80 -4.06
C ARG A 9 -9.58 -6.73 -3.74
N ILE A 10 -8.63 -6.51 -4.65
CA ILE A 10 -7.65 -5.45 -4.53
C ILE A 10 -7.86 -4.50 -5.71
N ARG A 11 -8.11 -3.21 -5.40
CA ARG A 11 -8.42 -2.20 -6.42
C ARG A 11 -7.58 -0.97 -6.16
N LEU A 12 -7.60 -0.04 -7.13
CA LEU A 12 -6.92 1.25 -6.96
C LEU A 12 -7.74 2.19 -6.08
N ALA A 13 -7.05 2.88 -5.18
CA ALA A 13 -7.66 3.95 -4.41
C ALA A 13 -7.87 5.19 -5.27
N THR A 14 -8.92 5.94 -4.95
CA THR A 14 -9.24 7.21 -5.59
C THR A 14 -9.48 8.23 -4.48
N PRO A 15 -9.61 9.52 -4.83
CA PRO A 15 -9.75 10.53 -3.78
C PRO A 15 -10.86 10.28 -2.77
N SER A 16 -11.98 9.69 -3.16
CA SER A 16 -13.04 9.41 -2.19
C SER A 16 -12.61 8.42 -1.12
N ASP A 17 -11.53 7.69 -1.32
CA ASP A 17 -11.05 6.72 -0.35
C ASP A 17 -10.18 7.35 0.74
N VAL A 18 -9.94 8.66 0.68
CA VAL A 18 -9.07 9.31 1.67
C VAL A 18 -9.45 9.01 3.13
N PRO A 19 -10.73 9.06 3.54
CA PRO A 19 -11.04 8.71 4.94
C PRO A 19 -10.57 7.33 5.33
N PHE A 20 -10.65 6.36 4.41
CA PHE A 20 -10.25 4.99 4.75
C PHE A 20 -8.74 4.86 4.79
N ILE A 21 -8.04 5.52 3.86
CA ILE A 21 -6.59 5.56 3.91
C ILE A 21 -6.12 6.20 5.20
N HIS A 22 -6.73 7.32 5.59
CA HIS A 22 -6.37 7.99 6.84
C HIS A 22 -6.53 7.06 8.02
N LYS A 23 -7.68 6.38 8.11
CA LYS A 23 -7.92 5.49 9.24
C LYS A 23 -7.02 4.26 9.21
N LEU A 24 -6.71 3.74 8.02
CA LEU A 24 -5.79 2.60 7.96
C LEU A 24 -4.38 2.99 8.41
N ILE A 25 -3.90 4.17 7.99
CA ILE A 25 -2.61 4.64 8.45
C ILE A 25 -2.62 4.81 9.96
N HIS A 26 -3.72 5.34 10.50
CA HIS A 26 -3.80 5.49 11.94
C HIS A 26 -3.76 4.14 12.65
N GLN A 27 -4.53 3.17 12.16
CA GLN A 27 -4.51 1.85 12.79
C GLN A 27 -3.13 1.20 12.68
N MET A 28 -2.42 1.43 11.57
CA MET A 28 -1.05 0.96 11.44
C MET A 28 -0.16 1.58 12.51
N ALA A 29 -0.33 2.88 12.76
CA ALA A 29 0.46 3.53 13.79
C ALA A 29 0.11 3.00 15.17
N VAL A 30 -1.18 2.75 15.43
CA VAL A 30 -1.58 2.17 16.70
C VAL A 30 -1.00 0.77 16.85
N PHE A 31 -1.06 -0.02 15.77
CA PHE A 31 -0.54 -1.37 15.81
C PHE A 31 0.94 -1.41 16.17
N GLU A 32 1.71 -0.47 15.63
CA GLU A 32 3.15 -0.39 15.83
C GLU A 32 3.54 0.34 17.11
N ARG A 33 2.56 0.88 17.85
CA ARG A 33 2.85 1.76 19.00
C ARG A 33 3.69 2.97 18.59
N LEU A 34 3.35 3.55 17.43
CA LEU A 34 4.07 4.69 16.87
C LEU A 34 3.15 5.89 16.65
N THR A 35 2.05 5.98 17.41
CA THR A 35 1.08 7.04 17.15
C THR A 35 1.65 8.42 17.44
N HIS A 36 2.73 8.52 18.23
CA HIS A 36 3.40 9.80 18.41
C HIS A 36 4.03 10.32 17.12
N LEU A 37 4.13 9.49 16.08
CA LEU A 37 4.65 9.89 14.78
C LEU A 37 3.53 10.27 13.82
N PHE A 38 2.27 10.09 14.20
CA PHE A 38 1.14 10.29 13.30
C PHE A 38 0.75 11.76 13.29
N SER A 39 0.92 12.41 12.15
CA SER A 39 0.34 13.73 11.94
C SER A 39 -0.45 13.81 10.63
N ALA A 40 -0.77 12.67 10.03
CA ALA A 40 -1.50 12.67 8.76
C ALA A 40 -2.89 13.26 8.93
N THR A 41 -3.33 14.01 7.93
CA THR A 41 -4.69 14.53 7.88
C THR A 41 -5.35 14.10 6.58
N GLU A 42 -6.68 14.11 6.59
CA GLU A 42 -7.40 13.83 5.35
C GLU A 42 -7.04 14.84 4.27
N SER A 43 -6.95 16.13 4.65
N SER A 43 -6.96 16.04 4.59
CA SER A 43 -6.58 17.14 3.65
CA SER A 43 -6.59 17.05 3.60
C SER A 43 -5.18 16.90 3.12
C SER A 43 -5.19 16.82 3.06
N GLY A 44 -4.25 16.54 4.00
CA GLY A 44 -2.89 16.28 3.55
C GLY A 44 -2.82 15.12 2.58
N LEU A 45 -3.53 14.03 2.89
CA LEU A 45 -3.58 12.90 1.97
C LEU A 45 -4.25 13.30 0.66
N ALA A 46 -5.37 14.03 0.75
CA ALA A 46 -6.13 14.38 -0.44
C ALA A 46 -5.34 15.29 -1.37
N SER A 47 -4.49 16.15 -0.82
CA SER A 47 -3.76 17.11 -1.63
C SER A 47 -2.41 16.58 -2.11
N THR A 48 -1.95 15.43 -1.61
CA THR A 48 -0.64 14.90 -1.98
C THR A 48 -0.67 13.58 -2.72
N LEU A 49 -1.65 12.70 -2.45
CA LEU A 49 -1.61 11.35 -3.00
C LEU A 49 -2.17 11.25 -4.41
N PHE A 50 -2.90 12.25 -4.87
CA PHE A 50 -3.68 12.12 -6.10
C PHE A 50 -3.37 13.20 -7.12
N THR A 51 -2.16 13.76 -7.07
CA THR A 51 -1.79 14.77 -8.06
C THR A 51 -1.36 14.17 -9.39
N SER A 52 -1.22 12.84 -9.46
CA SER A 52 -0.88 12.16 -10.69
C SER A 52 -1.81 10.96 -10.87
N ARG A 53 -1.76 10.38 -12.06
CA ARG A 53 -2.53 9.18 -12.34
C ARG A 53 -1.89 7.99 -11.62
N PRO A 54 -2.64 6.91 -11.45
CA PRO A 54 -2.05 5.70 -10.83
C PRO A 54 -0.79 5.28 -11.57
N PHE A 55 0.19 4.82 -10.80
CA PHE A 55 1.48 4.32 -11.28
C PHE A 55 2.40 5.43 -11.77
N GLN A 56 1.85 6.64 -11.98
CA GLN A 56 2.66 7.80 -12.34
C GLN A 56 3.45 8.30 -11.13
N SER A 57 2.83 8.30 -9.96
CA SER A 57 3.51 8.62 -8.72
C SER A 57 2.92 7.76 -7.60
N PHE A 58 2.67 8.35 -6.43
CA PHE A 58 2.12 7.59 -5.30
C PHE A 58 0.86 6.86 -5.73
N THR A 59 0.79 5.59 -5.38
CA THR A 59 -0.33 4.73 -5.73
C THR A 59 -0.72 3.90 -4.51
N VAL A 60 -2.02 3.72 -4.30
CA VAL A 60 -2.51 2.91 -3.20
C VAL A 60 -3.43 1.83 -3.76
N PHE A 61 -3.14 0.57 -3.43
CA PHE A 61 -4.10 -0.50 -3.65
C PHE A 61 -4.86 -0.71 -2.34
N LEU A 62 -6.17 -0.85 -2.44
CA LEU A 62 -7.01 -1.12 -1.27
C LEU A 62 -7.48 -2.57 -1.34
N LEU A 63 -7.36 -3.27 -0.22
CA LEU A 63 -7.95 -4.59 -0.08
C LEU A 63 -9.35 -4.44 0.52
N GLU A 64 -10.34 -5.04 -0.13
CA GLU A 64 -11.70 -5.05 0.38
C GLU A 64 -12.17 -6.48 0.51
N VAL A 65 -13.10 -6.72 1.43
CA VAL A 65 -13.65 -8.05 1.66
C VAL A 65 -15.17 -7.97 1.71
N SER A 66 -15.80 -9.11 1.43
CA SER A 66 -17.25 -9.19 1.38
C SER A 66 -17.67 -10.64 1.55
N ARG A 67 -18.83 -10.84 2.17
CA ARG A 67 -19.44 -12.16 2.23
C ARG A 67 -20.15 -12.53 0.92
N SER A 68 -20.23 -11.62 -0.03
CA SER A 68 -20.83 -11.94 -1.32
C SER A 68 -19.87 -11.56 -2.43
N PRO A 69 -20.03 -12.13 -3.62
CA PRO A 69 -19.04 -11.88 -4.69
C PRO A 69 -18.95 -10.40 -5.06
N PHE A 70 -17.75 -10.00 -5.46
CA PHE A 70 -17.50 -8.68 -6.01
C PHE A 70 -17.89 -8.68 -7.48
N PRO A 71 -18.11 -7.51 -8.07
CA PRO A 71 -18.22 -7.45 -9.53
C PRO A 71 -16.93 -7.95 -10.16
N ALA A 72 -17.05 -8.46 -11.38
CA ALA A 72 -15.87 -8.97 -12.08
C ALA A 72 -14.93 -7.87 -12.53
N THR A 73 -15.42 -6.65 -12.70
CA THR A 73 -14.60 -5.56 -13.24
C THR A 73 -14.86 -4.28 -12.45
N ILE A 74 -14.02 -3.29 -12.72
CA ILE A 74 -14.26 -1.91 -12.34
C ILE A 74 -14.09 -1.07 -13.60
N THR A 75 -15.21 -0.60 -14.17
CA THR A 75 -15.16 0.14 -15.42
C THR A 75 -14.67 1.57 -15.25
N SER A 76 -14.71 2.10 -14.03
CA SER A 76 -14.30 3.47 -13.75
C SER A 76 -12.90 3.54 -13.15
N SER A 77 -12.10 2.49 -13.33
CA SER A 77 -10.78 2.46 -12.71
C SER A 77 -9.95 3.63 -13.20
N PRO A 78 -9.19 4.27 -12.32
CA PRO A 78 -8.45 5.48 -12.71
C PRO A 78 -7.22 5.22 -13.56
N SER A 79 -6.97 3.98 -13.98
CA SER A 79 -5.86 3.65 -14.85
C SER A 79 -6.31 2.66 -15.92
N PRO A 80 -5.87 2.83 -17.17
CA PRO A 80 -6.15 1.81 -18.19
C PRO A 80 -5.28 0.58 -18.09
N ASP A 81 -4.23 0.61 -17.26
CA ASP A 81 -3.29 -0.49 -17.12
C ASP A 81 -3.66 -1.44 -15.98
N PHE A 82 -4.83 -1.27 -15.36
CA PHE A 82 -5.17 -2.00 -14.16
C PHE A 82 -6.54 -2.65 -14.26
N THR A 83 -6.61 -3.93 -13.91
CA THR A 83 -7.82 -4.66 -13.58
C THR A 83 -7.65 -5.23 -12.17
N PRO A 84 -8.71 -5.31 -11.38
CA PRO A 84 -8.57 -5.73 -9.97
C PRO A 84 -8.09 -7.16 -9.84
N PHE A 85 -7.53 -7.47 -8.66
CA PHE A 85 -7.13 -8.81 -8.29
C PHE A 85 -8.14 -9.40 -7.30
N PHE A 86 -8.32 -10.72 -7.35
CA PHE A 86 -9.40 -11.35 -6.59
C PHE A 86 -8.92 -12.63 -5.94
N LYS A 87 -9.51 -12.94 -4.79
CA LYS A 87 -9.28 -14.22 -4.14
C LYS A 87 -10.50 -14.61 -3.33
N THR A 88 -10.74 -15.91 -3.24
CA THR A 88 -11.81 -16.46 -2.41
C THR A 88 -11.17 -17.20 -1.23
N HIS A 89 -11.68 -16.94 -0.04
CA HIS A 89 -11.18 -17.54 1.21
C HIS A 89 -12.27 -18.37 1.85
N ASN A 90 -11.88 -19.52 2.39
CA ASN A 90 -12.80 -20.40 3.12
C ASN A 90 -12.59 -19.98 4.57
N ILE A 95 -16.71 -13.72 11.12
CA ILE A 95 -15.63 -12.75 11.54
C ILE A 95 -16.33 -11.49 12.06
N ASP A 96 -15.92 -11.03 13.24
CA ASP A 96 -16.58 -9.85 13.84
C ASP A 96 -15.74 -8.62 13.50
N ASP A 97 -16.36 -7.60 12.91
CA ASP A 97 -15.66 -6.35 12.52
C ASP A 97 -16.47 -5.17 13.04
N PRO A 98 -16.22 -4.74 14.29
CA PRO A 98 -16.96 -3.63 14.87
C PRO A 98 -16.74 -2.34 14.15
N GLU A 99 -15.60 -2.20 13.48
CA GLU A 99 -15.25 -0.93 12.81
C GLU A 99 -15.78 -0.90 11.38
N SER A 100 -16.55 -1.90 10.96
CA SER A 100 -17.04 -1.98 9.58
C SER A 100 -17.59 -0.63 9.07
N TYR A 101 -18.40 0.05 9.90
CA TYR A 101 -19.09 1.29 9.46
C TYR A 101 -18.09 2.42 9.14
N ASN A 102 -16.89 2.31 9.65
CA ASN A 102 -15.86 3.34 9.35
C ASN A 102 -15.05 2.94 8.12
N PHE A 103 -15.33 1.77 7.55
CA PHE A 103 -14.55 1.27 6.42
C PHE A 103 -15.41 0.82 5.25
N SER A 104 -16.63 1.31 5.13
CA SER A 104 -17.50 0.90 4.03
C SER A 104 -17.61 2.02 3.01
N PRO A 105 -17.04 1.87 1.82
CA PRO A 105 -17.09 2.95 0.83
C PRO A 105 -18.48 3.26 0.32
N ASP A 106 -19.40 2.29 0.37
CA ASP A 106 -20.82 2.51 0.08
C ASP A 106 -21.58 1.95 1.26
N MET A 107 -22.25 2.82 2.02
CA MET A 107 -22.80 2.40 3.31
C MET A 107 -23.80 1.26 3.16
N LEU A 108 -24.50 1.17 2.04
CA LEU A 108 -25.55 0.16 1.89
C LEU A 108 -25.03 -1.18 1.37
N ASN A 109 -23.83 -1.22 0.81
CA ASN A 109 -23.28 -2.43 0.21
C ASN A 109 -22.44 -3.20 1.22
N ASP A 110 -22.45 -4.53 1.10
CA ASP A 110 -21.78 -5.38 2.09
C ASP A 110 -20.28 -5.56 1.81
N VAL A 111 -19.56 -4.45 1.68
CA VAL A 111 -18.14 -4.45 1.35
C VAL A 111 -17.42 -3.55 2.33
N VAL A 112 -16.29 -4.02 2.88
CA VAL A 112 -15.47 -3.20 3.77
C VAL A 112 -14.01 -3.23 3.35
N VAL A 113 -13.33 -2.10 3.58
CA VAL A 113 -11.90 -1.98 3.36
C VAL A 113 -11.17 -2.68 4.50
N ALA A 114 -10.24 -3.57 4.16
CA ALA A 114 -9.51 -4.38 5.12
C ALA A 114 -8.01 -4.09 5.18
N GLY A 115 -7.45 -3.40 4.20
CA GLY A 115 -6.01 -3.16 4.22
C GLY A 115 -5.60 -2.34 3.02
N PHE A 116 -4.30 -2.02 2.96
CA PHE A 116 -3.78 -1.22 1.86
C PHE A 116 -2.30 -1.51 1.66
N VAL A 117 -1.82 -1.17 0.45
CA VAL A 117 -0.39 -1.06 0.18
C VAL A 117 -0.18 0.29 -0.51
N LEU A 118 0.81 1.03 -0.03
CA LEU A 118 1.20 2.30 -0.63
C LEU A 118 2.57 2.10 -1.29
N PHE A 119 2.67 2.50 -2.55
CA PHE A 119 3.89 2.31 -3.32
C PHE A 119 4.02 3.45 -4.32
N PHE A 120 5.20 3.56 -4.92
CA PHE A 120 5.45 4.61 -5.90
C PHE A 120 6.58 4.16 -6.82
N PRO A 121 6.71 4.78 -7.98
CA PRO A 121 7.76 4.36 -8.91
C PRO A 121 9.15 4.74 -8.42
N ASN A 122 10.09 3.83 -8.62
CA ASN A 122 11.51 4.11 -8.49
C ASN A 122 12.15 3.94 -9.87
N TYR A 123 13.47 4.02 -9.96
CA TYR A 123 14.07 4.02 -11.28
C TYR A 123 15.45 3.38 -11.24
N SER A 124 15.77 2.64 -12.30
CA SER A 124 17.10 2.10 -12.50
C SER A 124 17.74 2.84 -13.67
N SER A 125 18.74 3.67 -13.36
CA SER A 125 19.45 4.40 -14.40
C SER A 125 20.08 3.46 -15.42
N PHE A 126 20.70 2.38 -14.96
CA PHE A 126 21.42 1.49 -15.88
C PHE A 126 20.47 0.80 -16.85
N LEU A 127 19.21 0.60 -16.46
CA LEU A 127 18.22 -0.05 -17.32
C LEU A 127 17.37 0.93 -18.10
N SER A 128 17.40 2.21 -17.77
CA SER A 128 16.39 3.19 -18.18
C SER A 128 14.98 2.60 -18.07
N LYS A 129 14.68 2.03 -16.90
CA LYS A 129 13.41 1.36 -16.64
C LYS A 129 12.92 1.75 -15.26
N PRO A 130 11.66 2.14 -15.11
CA PRO A 130 11.09 2.32 -13.78
C PRO A 130 10.83 0.98 -13.11
N GLY A 131 10.73 1.03 -11.78
CA GLY A 131 10.26 -0.09 -10.98
C GLY A 131 9.27 0.44 -9.97
N PHE A 132 8.87 -0.37 -9.00
CA PHE A 132 8.03 0.08 -7.89
C PHE A 132 8.78 -0.08 -6.58
N TYR A 133 8.61 0.87 -5.67
CA TYR A 133 9.05 0.75 -4.29
C TYR A 133 7.82 0.69 -3.41
N ILE A 134 7.75 -0.33 -2.56
CA ILE A 134 6.63 -0.50 -1.63
C ILE A 134 7.01 0.12 -0.30
N GLU A 135 6.23 1.12 0.14
CA GLU A 135 6.52 1.84 1.37
C GLU A 135 5.79 1.25 2.58
N ASP A 136 4.51 0.92 2.44
CA ASP A 136 3.74 0.39 3.55
C ASP A 136 2.76 -0.68 3.08
N ILE A 137 2.61 -1.73 3.87
CA ILE A 137 1.52 -2.69 3.77
C ILE A 137 0.90 -2.83 5.15
N PHE A 138 -0.41 -2.72 5.22
CA PHE A 138 -1.11 -2.89 6.52
C PHE A 138 -2.47 -3.57 6.32
N VAL A 139 -2.74 -4.56 7.15
CA VAL A 139 -4.04 -5.28 7.12
C VAL A 139 -4.66 -5.08 8.51
N ARG A 140 -5.90 -4.64 8.56
CA ARG A 140 -6.48 -4.35 9.88
C ARG A 140 -6.85 -5.64 10.58
N GLU A 141 -6.89 -5.55 11.90
CA GLU A 141 -6.94 -6.68 12.85
C GLU A 141 -7.93 -7.79 12.61
N PRO A 142 -9.19 -7.57 12.21
CA PRO A 142 -10.08 -8.70 12.02
C PRO A 142 -9.67 -9.59 10.85
N TYR A 143 -8.90 -9.06 9.90
CA TYR A 143 -8.45 -9.76 8.68
C TYR A 143 -6.98 -10.16 8.75
N ARG A 144 -6.40 -10.08 9.94
CA ARG A 144 -4.99 -10.51 10.09
C ARG A 144 -4.92 -12.03 10.21
N ARG A 145 -3.73 -12.59 9.99
CA ARG A 145 -3.48 -14.05 10.07
C ARG A 145 -4.25 -14.78 8.97
N LYS A 146 -4.43 -14.15 7.82
CA LYS A 146 -5.14 -14.78 6.68
C LYS A 146 -4.34 -14.68 5.36
N GLY A 147 -3.13 -14.12 5.42
CA GLY A 147 -2.27 -14.03 4.22
C GLY A 147 -2.49 -12.81 3.36
N PHE A 148 -3.22 -11.83 3.88
CA PHE A 148 -3.57 -10.66 3.03
C PHE A 148 -2.37 -9.74 2.84
N GLY A 149 -1.44 -9.73 3.79
CA GLY A 149 -0.24 -8.92 3.57
C GLY A 149 0.54 -9.40 2.38
N SER A 150 0.72 -10.73 2.27
CA SER A 150 1.34 -11.35 1.11
C SER A 150 0.53 -11.10 -0.16
N MET A 151 -0.80 -11.14 -0.06
CA MET A 151 -1.62 -10.88 -1.23
C MET A 151 -1.40 -9.46 -1.77
N LEU A 152 -1.29 -8.49 -0.88
CA LEU A 152 -1.05 -7.11 -1.32
C LEU A 152 0.33 -6.95 -1.94
N LEU A 153 1.35 -7.59 -1.36
CA LEU A 153 2.69 -7.56 -1.98
C LEU A 153 2.65 -8.21 -3.35
N THR A 154 1.98 -9.36 -3.46
CA THR A 154 1.86 -10.06 -4.75
C THR A 154 1.17 -9.17 -5.77
N ALA A 155 0.17 -8.41 -5.35
CA ALA A 155 -0.53 -7.52 -6.28
C ALA A 155 0.41 -6.50 -6.91
N VAL A 156 1.30 -5.90 -6.10
CA VAL A 156 2.25 -4.93 -6.64
C VAL A 156 3.22 -5.61 -7.61
N ALA A 157 3.72 -6.80 -7.26
CA ALA A 157 4.62 -7.53 -8.14
C ALA A 157 3.95 -7.86 -9.47
N LYS A 158 2.71 -8.35 -9.40
CA LYS A 158 1.99 -8.69 -10.61
C LYS A 158 1.79 -7.46 -11.50
N GLN A 159 1.49 -6.32 -10.86
CA GLN A 159 1.30 -5.09 -11.64
C GLN A 159 2.61 -4.68 -12.31
N ALA A 160 3.74 -4.81 -11.61
CA ALA A 160 5.04 -4.51 -12.21
C ALA A 160 5.26 -5.34 -13.46
N VAL A 161 4.95 -6.65 -13.39
CA VAL A 161 5.13 -7.52 -14.54
C VAL A 161 4.22 -7.09 -15.70
N LYS A 162 2.97 -6.81 -15.40
CA LYS A 162 2.01 -6.38 -16.46
C LYS A 162 2.50 -5.11 -17.16
N MET A 163 3.14 -4.22 -16.42
CA MET A 163 3.59 -2.96 -16.98
C MET A 163 5.01 -3.00 -17.53
N GLY A 164 5.71 -4.12 -17.38
CA GLY A 164 7.07 -4.20 -17.86
C GLY A 164 8.07 -3.48 -17.00
N TYR A 165 7.73 -3.20 -15.74
CA TYR A 165 8.65 -2.53 -14.85
C TYR A 165 9.75 -3.49 -14.39
N GLY A 166 10.87 -2.92 -13.98
CA GLY A 166 12.09 -3.72 -13.86
C GLY A 166 12.31 -4.43 -12.54
N ARG A 167 11.82 -3.80 -11.48
CA ARG A 167 12.10 -4.34 -10.15
C ARG A 167 11.03 -3.88 -9.17
N VAL A 168 10.82 -4.65 -8.13
CA VAL A 168 10.04 -4.20 -6.98
C VAL A 168 10.96 -4.25 -5.78
N GLU A 169 10.95 -3.18 -4.98
CA GLU A 169 11.85 -3.07 -3.85
C GLU A 169 11.08 -2.61 -2.62
N TRP A 170 11.66 -2.90 -1.46
CA TRP A 170 11.11 -2.54 -0.16
C TRP A 170 12.23 -2.73 0.86
N VAL A 171 11.95 -2.37 2.11
CA VAL A 171 12.90 -2.63 3.19
C VAL A 171 12.34 -3.64 4.18
N VAL A 172 13.25 -4.26 4.92
CA VAL A 172 12.91 -5.22 5.97
C VAL A 172 13.82 -4.98 7.16
N LEU A 173 13.29 -5.24 8.35
CA LEU A 173 14.09 -5.14 9.56
C LEU A 173 15.12 -6.27 9.59
N ASP A 174 16.35 -5.91 9.97
CA ASP A 174 17.46 -6.84 9.96
C ASP A 174 17.17 -8.09 10.77
N TRP A 175 16.39 -7.95 11.84
CA TRP A 175 16.10 -9.07 12.75
C TRP A 175 14.85 -9.83 12.39
N ASN A 176 14.11 -9.40 11.36
CA ASN A 176 12.83 -10.02 10.99
C ASN A 176 13.13 -11.27 10.16
N VAL A 177 13.61 -12.29 10.85
CA VAL A 177 14.15 -13.48 10.18
C VAL A 177 13.08 -14.19 9.38
N ASN A 178 11.84 -14.24 9.90
CA ASN A 178 10.77 -14.94 9.18
C ASN A 178 10.37 -14.19 7.91
N ALA A 179 10.33 -12.87 7.95
CA ALA A 179 10.01 -12.14 6.73
C ALA A 179 11.15 -12.28 5.71
N ILE A 180 12.40 -12.22 6.18
CA ILE A 180 13.55 -12.38 5.27
C ILE A 180 13.46 -13.71 4.54
N LYS A 181 13.21 -14.79 5.27
CA LYS A 181 13.09 -16.11 4.64
C LYS A 181 11.92 -16.13 3.66
N PHE A 182 10.80 -15.50 4.03
CA PHE A 182 9.66 -15.40 3.13
C PHE A 182 10.05 -14.68 1.84
N TYR A 183 10.70 -13.52 1.96
CA TYR A 183 11.11 -12.80 0.76
C TYR A 183 12.08 -13.60 -0.09
N GLU A 184 13.00 -14.34 0.54
CA GLU A 184 13.94 -15.16 -0.24
C GLU A 184 13.20 -16.29 -0.97
N GLN A 185 12.21 -16.88 -0.33
CA GLN A 185 11.40 -17.97 -0.96
C GLN A 185 10.72 -17.43 -2.22
N MET A 186 10.31 -16.18 -2.20
CA MET A 186 9.68 -15.53 -3.38
C MET A 186 10.71 -15.25 -4.47
N GLY A 187 12.00 -15.43 -4.18
CA GLY A 187 13.04 -15.08 -5.12
C GLY A 187 13.61 -13.70 -4.96
N ALA A 188 13.18 -12.94 -3.95
CA ALA A 188 13.79 -11.65 -3.70
C ALA A 188 15.18 -11.84 -3.10
N GLN A 189 16.00 -10.80 -3.21
CA GLN A 189 17.34 -10.82 -2.65
C GLN A 189 17.48 -9.69 -1.64
N ILE A 190 18.05 -9.99 -0.49
CA ILE A 190 18.34 -8.97 0.51
C ILE A 190 19.73 -8.43 0.22
N LEU A 191 19.82 -7.12 -0.07
CA LEU A 191 21.08 -6.48 -0.43
C LEU A 191 21.77 -6.05 0.85
N GLN A 192 22.73 -6.85 1.31
CA GLN A 192 23.28 -6.65 2.65
C GLN A 192 24.19 -5.44 2.77
N GLU A 193 24.65 -4.86 1.66
CA GLU A 193 25.67 -3.81 1.74
C GLU A 193 25.10 -2.41 1.95
N TRP A 194 23.83 -2.18 1.66
CA TRP A 194 23.28 -0.82 1.66
C TRP A 194 22.68 -0.48 3.02
N ARG A 195 22.82 0.79 3.40
CA ARG A 195 22.12 1.34 4.55
C ARG A 195 21.37 2.60 4.11
N VAL A 196 20.16 2.76 4.66
CA VAL A 196 19.31 3.91 4.35
C VAL A 196 19.80 5.12 5.16
N CYS A 197 19.90 6.27 4.50
CA CYS A 197 20.22 7.55 5.15
C CYS A 197 19.02 8.47 5.02
N ARG A 198 18.71 9.20 6.10
CA ARG A 198 17.54 10.07 6.12
C ARG A 198 17.94 11.46 6.62
N LEU A 199 17.57 12.48 5.85
CA LEU A 199 17.73 13.88 6.24
C LEU A 199 16.34 14.48 6.44
N THR A 200 16.06 14.98 7.63
CA THR A 200 14.71 15.43 7.96
C THR A 200 14.78 16.47 9.08
N GLY A 201 13.61 17.02 9.40
CA GLY A 201 13.49 17.96 10.51
C GLY A 201 14.35 19.19 10.34
N ASP A 202 14.85 19.69 11.49
CA ASP A 202 15.64 20.92 11.49
C ASP A 202 16.93 20.74 10.69
N ALA A 203 17.48 19.52 10.66
CA ALA A 203 18.68 19.27 9.85
C ALA A 203 18.40 19.51 8.37
N LEU A 204 17.26 19.03 7.87
CA LEU A 204 16.88 19.32 6.50
C LEU A 204 16.60 20.82 6.32
N GLU A 205 15.83 21.41 7.24
CA GLU A 205 15.43 22.81 7.09
C GLU A 205 16.63 23.75 7.06
N ALA A 206 17.72 23.38 7.73
CA ALA A 206 18.94 24.17 7.70
C ALA A 206 19.51 24.37 6.30
N PHE A 207 19.18 23.49 5.35
CA PHE A 207 19.70 23.67 4.00
C PHE A 207 19.17 24.94 3.35
N ASP A 208 18.10 25.51 3.89
CA ASP A 208 17.63 26.83 3.45
C ASP A 208 18.75 27.85 3.46
N GLN A 209 19.71 27.67 4.36
CA GLN A 209 20.76 28.71 4.54
C GLN A 209 21.96 28.53 3.60
N VAL A 210 22.00 27.43 2.83
CA VAL A 210 23.19 27.19 1.98
C VAL A 210 23.14 28.19 0.80
N ASN A 211 24.25 28.85 0.52
CA ASN A 211 24.27 29.94 -0.49
C ASN A 211 24.52 29.41 -1.90
N ILE A 212 23.56 28.66 -2.43
CA ILE A 212 23.61 28.20 -3.84
C ILE A 212 22.26 28.64 -4.45
#